data_7VMU
#
_entry.id   7VMU
#
_cell.length_a   97.021
_cell.length_b   97.021
_cell.length_c   93.244
_cell.angle_alpha   90.000
_cell.angle_beta   90.000
_cell.angle_gamma   90.000
#
_symmetry.space_group_name_H-M   'P 43 2 2'
#
loop_
_entity.id
_entity.type
_entity.pdbx_description
1 polymer 'scFv E4'
2 polymer 'Spike protein S1'
#
loop_
_entity_poly.entity_id
_entity_poly.type
_entity_poly.pdbx_seq_one_letter_code
_entity_poly.pdbx_strand_id
1 'polypeptide(L)'
;QVQLVQSGGGLIQPGGSLRLSCAASGVTVSSNYMSWVRQAPGRGLEWVSLIYPGGSTYYADSVKGRFTISRDNSRNTLYL
QMNSLRAEDTAVYYCARDLSEKGGMDVWGQGTTVTVSSGGGGSGGGGSGGGGSGGGGASDIVMTQSPSSLSASVGDRVTI
TCRASQGISSYLAWYQQKPGKAPKLLIYAASTLQSGVPSRFSGSGSGTDFTLTISSLQPEDFATYYCQQLNSYPRFGPGT
KVEIK
;
A
2 'polypeptide(L)'
;LCPFGEVFNATRFASVYAWNRKRISNCVADYSVLYNSASFSTFKCYGVSPTKLNDLCFTNVYADSFVIRGDEVRQIAPGQ
TGKIADYNYKLPDDFTGCVIAWNSNNLDSKVGGNYNYLYRLFRKSNLKPFERDISTEIYQAGSTPCNGVEGFNCYFPLQS
YGFQPTNGVGYQPYRVVVLSF
;
B
#
# COMPACT_ATOMS: atom_id res chain seq x y z
N VAL A 2 -15.42 18.86 0.71
CA VAL A 2 -14.41 17.82 0.84
C VAL A 2 -13.01 18.45 1.00
N GLN A 3 -12.66 18.89 2.20
CA GLN A 3 -11.32 19.43 2.41
C GLN A 3 -10.64 18.61 3.51
N LEU A 4 -9.36 18.88 3.71
CA LEU A 4 -8.65 18.52 4.94
C LEU A 4 -8.02 19.80 5.46
N VAL A 5 -8.55 20.33 6.55
CA VAL A 5 -7.95 21.50 7.20
C VAL A 5 -7.19 20.98 8.42
N GLN A 6 -5.90 21.24 8.46
CA GLN A 6 -5.08 20.79 9.56
C GLN A 6 -4.57 21.99 10.33
N SER A 7 -4.31 21.78 11.62
CA SER A 7 -4.22 22.87 12.56
C SER A 7 -3.21 22.55 13.66
N GLY A 8 -2.46 23.57 14.06
CA GLY A 8 -1.43 23.41 15.08
C GLY A 8 -0.05 23.27 14.49
N GLY A 9 0.95 23.80 15.17
CA GLY A 9 2.32 23.70 14.68
C GLY A 9 3.30 24.49 15.51
N GLY A 10 3.73 25.63 14.99
CA GLY A 10 4.59 26.48 15.78
C GLY A 10 6.01 25.96 15.92
N LEU A 11 6.68 26.53 16.90
CA LEU A 11 8.08 26.25 17.21
C LEU A 11 8.14 25.37 18.45
N ILE A 12 9.27 24.69 18.63
CA ILE A 12 9.50 24.02 19.89
C ILE A 12 10.95 23.60 19.98
N GLN A 13 11.56 23.78 21.16
CA GLN A 13 12.95 23.45 21.32
C GLN A 13 13.10 21.93 21.39
N PRO A 14 14.21 21.39 20.89
CA PRO A 14 14.34 19.94 20.76
C PRO A 14 14.08 19.21 22.07
N GLY A 15 13.49 18.02 21.96
CA GLY A 15 13.02 17.26 23.08
C GLY A 15 11.53 17.41 23.33
N GLY A 16 10.96 18.57 23.03
CA GLY A 16 9.56 18.84 23.27
C GLY A 16 8.64 17.98 22.42
N SER A 17 7.34 18.16 22.67
CA SER A 17 6.30 17.39 22.02
C SER A 17 5.31 18.33 21.34
N LEU A 18 4.57 17.79 20.37
CA LEU A 18 3.66 18.64 19.61
C LEU A 18 2.66 17.72 18.92
N ARG A 19 1.38 18.10 18.94
CA ARG A 19 0.31 17.24 18.45
C ARG A 19 -0.40 17.90 17.28
N LEU A 20 -0.02 17.52 16.06
CA LEU A 20 -0.73 18.00 14.89
C LEU A 20 -2.11 17.38 14.81
N SER A 21 -3.05 18.13 14.23
CA SER A 21 -4.36 17.61 13.90
C SER A 21 -4.66 17.92 12.45
N CYS A 22 -5.80 17.43 11.98
CA CYS A 22 -6.15 17.42 10.57
C CYS A 22 -7.61 17.00 10.45
N ALA A 23 -8.51 17.97 10.38
CA ALA A 23 -9.95 17.69 10.31
C ALA A 23 -10.39 17.57 8.86
N ALA A 24 -11.22 16.58 8.58
CA ALA A 24 -11.70 16.31 7.23
C ALA A 24 -13.18 16.67 7.12
N SER A 25 -13.63 16.80 5.87
CA SER A 25 -15.02 17.20 5.62
C SER A 25 -15.74 16.19 4.75
N GLY A 26 -15.21 15.94 3.55
CA GLY A 26 -15.87 15.02 2.64
C GLY A 26 -15.56 13.56 2.87
N VAL A 27 -14.45 13.26 3.54
CA VAL A 27 -13.99 11.90 3.75
C VAL A 27 -14.20 11.50 5.21
N THR A 28 -14.32 10.19 5.44
CA THR A 28 -14.46 9.63 6.78
C THR A 28 -13.09 9.10 7.23
N VAL A 29 -12.58 9.65 8.32
CA VAL A 29 -11.18 9.40 8.69
C VAL A 29 -10.97 7.94 9.07
N SER A 30 -11.90 7.35 9.82
CA SER A 30 -11.75 5.96 10.23
C SER A 30 -12.00 4.99 9.09
N SER A 31 -12.54 5.44 7.97
CA SER A 31 -12.82 4.54 6.85
C SER A 31 -11.76 4.58 5.76
N ASN A 32 -10.84 5.55 5.79
CA ASN A 32 -9.80 5.67 4.79
C ASN A 32 -8.44 5.35 5.38
N TYR A 33 -7.46 5.20 4.48
CA TYR A 33 -6.05 5.12 4.83
C TYR A 33 -5.53 6.55 5.01
N MET A 34 -5.42 7.00 6.25
CA MET A 34 -4.85 8.33 6.41
C MET A 34 -3.35 8.21 6.60
N SER A 35 -2.63 9.25 6.18
CA SER A 35 -1.18 9.19 6.17
C SER A 35 -0.61 10.59 6.31
N TRP A 36 0.62 10.65 6.79
CA TRP A 36 1.35 11.90 6.98
C TRP A 36 2.60 11.88 6.13
N VAL A 37 2.86 12.99 5.45
CA VAL A 37 4.07 13.21 4.68
C VAL A 37 4.65 14.55 5.12
N ARG A 38 5.97 14.61 5.25
CA ARG A 38 6.67 15.84 5.54
C ARG A 38 7.71 16.11 4.47
N GLN A 39 7.93 17.40 4.17
CA GLN A 39 9.01 17.80 3.30
C GLN A 39 9.99 18.62 4.11
N ALA A 40 11.17 18.05 4.36
CA ALA A 40 12.23 18.81 5.02
C ALA A 40 12.67 19.95 4.11
N PRO A 41 13.08 21.07 4.68
CA PRO A 41 13.59 22.18 3.86
C PRO A 41 14.83 21.74 3.08
N GLY A 42 14.77 21.88 1.76
CA GLY A 42 15.80 21.42 0.87
C GLY A 42 15.62 20.01 0.36
N ARG A 43 15.02 19.13 1.17
CA ARG A 43 14.76 17.75 0.77
C ARG A 43 13.45 17.68 -0.03
N GLY A 44 13.09 16.45 -0.44
CA GLY A 44 11.83 16.19 -1.10
C GLY A 44 10.80 15.59 -0.16
N LEU A 45 9.75 15.04 -0.75
CA LEU A 45 8.69 14.48 0.07
C LEU A 45 9.14 13.19 0.76
N GLU A 46 8.69 13.02 1.99
CA GLU A 46 9.12 11.91 2.84
C GLU A 46 7.90 11.38 3.55
N TRP A 47 7.56 10.12 3.31
CA TRP A 47 6.45 9.53 4.03
C TRP A 47 6.79 9.41 5.50
N VAL A 48 5.82 9.72 6.36
CA VAL A 48 6.00 9.67 7.81
C VAL A 48 5.29 8.45 8.40
N SER A 49 3.98 8.34 8.18
CA SER A 49 3.22 7.29 8.85
C SER A 49 1.83 7.15 8.26
N LEU A 50 1.42 5.90 8.01
CA LEU A 50 0.06 5.51 7.66
C LEU A 50 -0.74 5.02 8.86
N ILE A 51 -2.07 5.14 8.74
CA ILE A 51 -3.01 4.43 9.59
C ILE A 51 -4.04 3.76 8.68
N TYR A 52 -4.22 2.46 8.87
CA TYR A 52 -5.16 1.69 8.05
C TYR A 52 -6.59 1.93 8.55
N PRO A 53 -7.58 1.72 7.69
CA PRO A 53 -8.97 1.83 8.15
C PRO A 53 -9.29 0.91 9.31
N GLY A 54 -8.66 -0.25 9.37
CA GLY A 54 -8.87 -1.22 10.43
C GLY A 54 -8.08 -1.00 11.69
N GLY A 55 -7.20 -0.01 11.72
CA GLY A 55 -6.51 0.39 12.93
C GLY A 55 -5.01 0.21 12.90
N SER A 56 -4.48 -0.57 11.97
CA SER A 56 -3.04 -0.80 11.91
C SER A 56 -2.31 0.51 11.65
N THR A 57 -1.11 0.63 12.22
CA THR A 57 -0.31 1.84 12.12
C THR A 57 1.11 1.49 11.72
N TYR A 58 1.70 2.35 10.88
CA TYR A 58 3.06 2.16 10.41
C TYR A 58 3.77 3.51 10.44
N TYR A 59 5.11 3.47 10.52
CA TYR A 59 5.91 4.69 10.53
C TYR A 59 7.22 4.42 9.80
N ALA A 60 7.82 5.49 9.29
CA ALA A 60 9.17 5.43 8.74
C ALA A 60 10.18 5.25 9.86
N ASP A 61 11.31 4.61 9.54
CA ASP A 61 12.30 4.26 10.55
C ASP A 61 12.69 5.47 11.39
N SER A 62 12.93 6.59 10.74
CA SER A 62 13.43 7.78 11.42
C SER A 62 12.40 8.43 12.34
N VAL A 63 11.25 7.85 12.65
CA VAL A 63 10.27 8.47 13.55
C VAL A 63 9.67 7.43 14.48
N LYS A 64 9.93 6.15 14.20
CA LYS A 64 9.32 5.07 14.96
C LYS A 64 9.73 5.14 16.43
N GLY A 65 8.73 5.01 17.31
CA GLY A 65 8.93 5.13 18.73
C GLY A 65 8.73 6.51 19.29
N ARG A 66 8.89 7.55 18.46
CA ARG A 66 8.69 8.92 18.86
C ARG A 66 7.33 9.48 18.46
N PHE A 67 6.80 9.03 17.32
CA PHE A 67 5.55 9.55 16.78
C PHE A 67 4.43 8.53 16.95
N THR A 68 3.21 9.03 17.10
CA THR A 68 2.04 8.18 17.27
C THR A 68 0.87 8.76 16.48
N ILE A 69 0.55 8.15 15.35
CA ILE A 69 -0.63 8.53 14.58
C ILE A 69 -1.87 7.94 15.26
N SER A 70 -2.95 8.71 15.28
CA SER A 70 -4.21 8.25 15.83
C SER A 70 -5.36 9.02 15.18
N ARG A 71 -6.58 8.73 15.60
CA ARG A 71 -7.72 9.46 15.09
C ARG A 71 -8.87 9.38 16.08
N ASP A 72 -9.73 10.39 16.04
CA ASP A 72 -10.93 10.47 16.87
C ASP A 72 -12.15 10.41 15.95
N ASN A 73 -12.84 9.28 15.96
CA ASN A 73 -14.01 9.11 15.10
C ASN A 73 -15.12 10.09 15.47
N SER A 74 -15.14 10.57 16.71
CA SER A 74 -16.24 11.40 17.18
C SER A 74 -16.26 12.76 16.49
N ARG A 75 -15.08 13.38 16.32
CA ARG A 75 -14.98 14.66 15.63
C ARG A 75 -14.29 14.54 14.27
N ASN A 76 -14.09 13.32 13.77
CA ASN A 76 -13.56 13.05 12.43
C ASN A 76 -12.27 13.83 12.19
N THR A 77 -11.22 13.38 12.87
CA THR A 77 -9.94 14.08 12.81
C THR A 77 -8.79 13.10 12.99
N LEU A 78 -7.81 13.20 12.09
CA LEU A 78 -6.55 12.48 12.21
C LEU A 78 -5.55 13.32 12.99
N TYR A 79 -4.78 12.66 13.86
CA TYR A 79 -3.77 13.34 14.66
C TYR A 79 -2.40 12.73 14.39
N LEU A 80 -1.37 13.53 14.60
CA LEU A 80 0.01 13.06 14.62
C LEU A 80 0.66 13.54 15.91
N GLN A 81 1.01 12.60 16.78
CA GLN A 81 1.55 12.87 18.11
C GLN A 81 3.07 12.76 18.02
N MET A 82 3.77 13.87 18.26
CA MET A 82 5.21 13.96 17.97
C MET A 82 5.97 14.24 19.26
N ASN A 83 6.64 13.22 19.81
CA ASN A 83 7.49 13.37 20.98
C ASN A 83 8.95 13.18 20.59
N SER A 84 9.84 13.49 21.54
CA SER A 84 11.29 13.33 21.37
C SER A 84 11.78 13.99 20.08
N LEU A 85 11.09 15.05 19.66
CA LEU A 85 11.43 15.82 18.47
C LEU A 85 12.87 16.31 18.49
N ARG A 86 13.44 16.40 17.28
CA ARG A 86 14.79 16.87 17.06
C ARG A 86 14.79 17.73 15.80
N ALA A 87 15.96 18.28 15.48
CA ALA A 87 16.09 19.21 14.37
C ALA A 87 15.68 18.58 13.05
N GLU A 88 15.95 17.30 12.86
CA GLU A 88 15.62 16.64 11.60
C GLU A 88 14.13 16.47 11.41
N ASP A 89 13.33 16.69 12.44
CA ASP A 89 11.89 16.71 12.32
C ASP A 89 11.35 18.07 11.89
N THR A 90 12.23 18.97 11.46
CA THR A 90 11.79 20.26 10.92
C THR A 90 11.39 20.05 9.46
N ALA A 91 10.11 20.31 9.17
CA ALA A 91 9.56 20.08 7.84
C ALA A 91 8.14 20.64 7.81
N VAL A 92 7.60 20.77 6.61
CA VAL A 92 6.18 21.04 6.45
C VAL A 92 5.44 19.71 6.49
N TYR A 93 4.44 19.62 7.36
CA TYR A 93 3.75 18.36 7.63
C TYR A 93 2.36 18.39 7.01
N TYR A 94 2.13 17.53 6.03
CA TYR A 94 0.84 17.39 5.38
C TYR A 94 0.15 16.13 5.86
N CYS A 95 -1.18 16.14 5.86
CA CYS A 95 -1.99 14.94 6.01
C CYS A 95 -2.69 14.67 4.69
N ALA A 96 -2.74 13.41 4.30
CA ALA A 96 -3.23 13.06 2.97
C ALA A 96 -4.03 11.77 3.06
N ARG A 97 -5.09 11.70 2.25
CA ARG A 97 -5.87 10.48 2.13
C ARG A 97 -5.18 9.54 1.14
N ASP A 98 -4.95 8.30 1.57
CA ASP A 98 -4.30 7.29 0.75
C ASP A 98 -5.38 6.38 0.17
N LEU A 99 -5.65 6.53 -1.12
CA LEU A 99 -6.35 5.48 -1.86
C LEU A 99 -5.44 4.35 -2.30
N SER A 100 -4.14 4.51 -2.16
CA SER A 100 -3.16 3.50 -2.52
C SER A 100 -3.09 3.17 -3.95
N GLU A 101 -3.08 1.90 -4.26
CA GLU A 101 -3.03 1.43 -5.60
C GLU A 101 -4.25 1.67 -6.41
N LYS A 102 -5.26 2.29 -5.83
CA LYS A 102 -6.46 2.57 -6.56
C LYS A 102 -6.71 4.01 -6.78
N GLY A 103 -5.84 4.82 -6.24
CA GLY A 103 -5.92 6.23 -6.48
C GLY A 103 -4.88 7.18 -5.99
N GLY A 104 -3.79 6.68 -5.47
CA GLY A 104 -2.80 7.55 -4.89
C GLY A 104 -3.18 8.34 -3.68
N MET A 105 -2.47 9.41 -3.43
CA MET A 105 -2.83 10.25 -2.37
C MET A 105 -3.45 11.38 -3.07
N ASP A 106 -4.76 11.40 -3.10
CA ASP A 106 -5.47 12.37 -3.93
C ASP A 106 -5.95 13.59 -3.17
N VAL A 107 -6.13 13.51 -1.86
CA VAL A 107 -6.73 14.61 -1.11
C VAL A 107 -5.76 14.99 0.00
N TRP A 108 -5.17 16.18 -0.11
CA TRP A 108 -4.12 16.65 0.77
C TRP A 108 -4.61 17.82 1.61
N GLY A 109 -4.06 17.92 2.81
CA GLY A 109 -4.25 19.12 3.60
C GLY A 109 -3.27 20.20 3.22
N GLN A 110 -3.49 21.39 3.77
CA GLN A 110 -2.51 22.45 3.68
C GLN A 110 -1.37 22.15 4.66
N GLY A 111 -0.21 22.72 4.40
CA GLY A 111 0.92 22.47 5.25
C GLY A 111 0.74 23.06 6.64
N THR A 112 1.55 22.55 7.57
CA THR A 112 1.74 23.15 8.90
C THR A 112 3.22 23.02 9.26
N THR A 113 3.97 24.09 8.98
CA THR A 113 5.39 24.17 9.29
C THR A 113 5.66 23.90 10.76
N VAL A 114 6.44 22.85 11.02
CA VAL A 114 7.00 22.59 12.34
C VAL A 114 8.46 22.98 12.32
N THR A 115 8.86 23.85 13.24
CA THR A 115 10.20 24.40 13.29
C THR A 115 10.84 23.97 14.61
N VAL A 116 11.79 23.03 14.53
CA VAL A 116 12.58 22.62 15.68
C VAL A 116 13.90 23.38 15.65
N SER A 117 14.30 23.90 16.80
CA SER A 117 15.56 24.61 16.95
C SER A 117 16.59 23.79 17.72
N ILE A 141 13.45 -0.81 -1.76
CA ILE A 141 13.29 -0.42 -3.16
C ILE A 141 13.46 1.09 -3.34
N VAL A 142 14.58 1.48 -3.93
CA VAL A 142 14.87 2.90 -4.16
C VAL A 142 14.15 3.41 -5.40
N MET A 143 13.48 4.54 -5.26
CA MET A 143 12.92 5.28 -6.40
C MET A 143 13.90 6.34 -6.85
N THR A 144 14.06 6.48 -8.15
CA THR A 144 15.02 7.39 -8.75
C THR A 144 14.23 8.31 -9.70
N GLN A 145 14.69 9.52 -9.95
CA GLN A 145 14.06 10.42 -10.85
C GLN A 145 15.12 11.14 -11.61
N SER A 146 14.95 11.31 -12.90
CA SER A 146 15.87 12.08 -13.71
C SER A 146 15.11 12.82 -14.74
N PRO A 147 15.48 14.06 -15.01
CA PRO A 147 16.50 14.97 -14.52
C PRO A 147 16.30 15.38 -13.09
N SER A 148 17.21 16.08 -12.49
CA SER A 148 16.97 16.54 -11.18
C SER A 148 16.41 17.91 -11.30
N SER A 149 16.81 18.60 -12.35
CA SER A 149 16.38 19.96 -12.59
C SER A 149 16.43 20.18 -14.06
N LEU A 150 15.46 20.91 -14.56
CA LEU A 150 15.38 21.19 -15.96
C LEU A 150 14.72 22.52 -16.26
N SER A 151 15.25 23.25 -17.22
CA SER A 151 14.58 24.47 -17.64
C SER A 151 13.92 24.24 -18.99
N ALA A 152 12.71 24.75 -19.16
CA ALA A 152 11.98 24.60 -20.40
C ALA A 152 11.16 25.87 -20.67
N SER A 153 11.01 26.20 -21.95
CA SER A 153 10.25 27.36 -22.33
C SER A 153 8.76 27.06 -22.31
N VAL A 154 7.96 28.11 -22.17
CA VAL A 154 6.51 27.93 -22.11
C VAL A 154 6.03 27.35 -23.44
N GLY A 155 5.14 26.37 -23.37
CA GLY A 155 4.71 25.67 -24.55
C GLY A 155 5.65 24.60 -25.06
N ASP A 156 6.78 24.37 -24.37
CA ASP A 156 7.65 23.24 -24.69
C ASP A 156 6.95 21.92 -24.35
N ARG A 157 7.53 20.82 -24.81
CA ARG A 157 7.12 19.50 -24.34
C ARG A 157 8.19 18.96 -23.40
N VAL A 158 7.75 18.51 -22.23
CA VAL A 158 8.65 18.11 -21.15
C VAL A 158 8.36 16.66 -20.78
N THR A 159 9.41 15.84 -20.80
CA THR A 159 9.32 14.46 -20.37
C THR A 159 10.33 14.23 -19.25
N ILE A 160 9.84 13.87 -18.08
CA ILE A 160 10.69 13.49 -16.96
C ILE A 160 10.51 11.99 -16.69
N THR A 161 11.55 11.37 -16.18
CA THR A 161 11.59 9.93 -15.99
C THR A 161 11.68 9.59 -14.51
N CYS A 162 11.24 8.37 -14.18
CA CYS A 162 11.30 7.82 -12.84
C CYS A 162 11.68 6.36 -12.96
N ARG A 163 12.56 5.89 -12.08
CA ARG A 163 13.06 4.53 -12.20
C ARG A 163 12.96 3.78 -10.88
N ALA A 164 12.59 2.50 -10.99
CA ALA A 164 12.40 1.60 -9.86
C ALA A 164 13.53 0.58 -9.81
N SER A 165 13.99 0.25 -8.60
CA SER A 165 15.05 -0.74 -8.47
C SER A 165 14.52 -2.15 -8.69
N GLN A 166 13.40 -2.47 -8.05
CA GLN A 166 12.66 -3.71 -8.26
C GLN A 166 11.44 -3.43 -9.13
N GLY A 167 11.03 -4.41 -9.92
CA GLY A 167 9.85 -4.26 -10.74
C GLY A 167 8.57 -4.09 -9.95
N ILE A 168 7.90 -2.94 -10.11
CA ILE A 168 6.68 -2.63 -9.38
C ILE A 168 5.47 -2.63 -10.30
N SER A 169 5.57 -3.29 -11.46
CA SER A 169 4.50 -3.39 -12.45
C SER A 169 4.17 -1.98 -12.93
N SER A 170 2.92 -1.52 -12.84
CA SER A 170 2.55 -0.17 -13.20
C SER A 170 2.06 0.63 -12.00
N TYR A 171 2.41 0.19 -10.79
CA TYR A 171 1.85 0.78 -9.58
C TYR A 171 2.73 1.94 -9.14
N LEU A 172 2.43 3.12 -9.65
CA LEU A 172 3.24 4.31 -9.43
C LEU A 172 2.44 5.54 -9.81
N ALA A 173 2.60 6.61 -9.02
CA ALA A 173 1.87 7.84 -9.23
C ALA A 173 2.83 9.02 -9.41
N TRP A 174 2.25 10.15 -9.80
CA TRP A 174 2.98 11.39 -9.99
C TRP A 174 2.25 12.53 -9.28
N TYR A 175 3.03 13.49 -8.77
CA TYR A 175 2.49 14.64 -8.07
C TYR A 175 3.24 15.90 -8.48
N GLN A 176 2.53 17.01 -8.67
CA GLN A 176 3.16 18.31 -8.74
C GLN A 176 3.02 19.00 -7.40
N GLN A 177 4.11 19.63 -6.96
CA GLN A 177 4.08 20.52 -5.81
C GLN A 177 4.71 21.84 -6.23
N LYS A 178 3.91 22.87 -6.20
CA LYS A 178 4.49 24.16 -6.45
C LYS A 178 5.03 24.74 -5.16
N PRO A 179 6.13 25.50 -5.25
CA PRO A 179 6.75 26.07 -4.05
C PRO A 179 5.76 26.72 -3.10
N GLY A 180 5.69 26.21 -1.87
CA GLY A 180 4.83 26.74 -0.84
C GLY A 180 3.50 26.03 -0.68
N LYS A 181 2.94 25.51 -1.76
CA LYS A 181 1.62 24.89 -1.72
C LYS A 181 1.75 23.37 -1.58
N ALA A 182 0.69 22.75 -1.06
CA ALA A 182 0.66 21.30 -0.84
C ALA A 182 0.75 20.55 -2.15
N PRO A 183 1.20 19.29 -2.12
CA PRO A 183 1.29 18.50 -3.34
C PRO A 183 -0.08 18.19 -3.93
N LYS A 184 -0.06 17.63 -5.14
CA LYS A 184 -1.26 17.45 -5.96
C LYS A 184 -1.08 16.24 -6.85
N LEU A 185 -2.01 15.29 -6.80
CA LEU A 185 -1.90 14.09 -7.62
C LEU A 185 -2.10 14.42 -9.09
N LEU A 186 -1.35 13.70 -9.94
CA LEU A 186 -1.51 13.84 -11.39
C LEU A 186 -1.91 12.49 -11.99
N ILE A 187 -0.95 11.61 -12.16
CA ILE A 187 -1.19 10.27 -12.68
C ILE A 187 -1.06 9.28 -11.52
N TYR A 188 -1.97 8.31 -11.46
CA TYR A 188 -1.77 7.13 -10.65
C TYR A 188 -1.93 5.90 -11.54
N ALA A 189 -1.44 4.77 -11.05
CA ALA A 189 -1.43 3.52 -11.82
C ALA A 189 -0.67 3.68 -13.13
N ALA A 190 0.44 4.43 -13.08
CA ALA A 190 1.36 4.66 -14.18
C ALA A 190 0.75 5.47 -15.33
N SER A 191 -0.53 5.25 -15.65
CA SER A 191 -1.13 5.87 -16.83
C SER A 191 -2.48 6.53 -16.58
N THR A 192 -3.15 6.27 -15.47
CA THR A 192 -4.47 6.84 -15.22
C THR A 192 -4.35 8.28 -14.75
N LEU A 193 -5.09 9.18 -15.40
CA LEU A 193 -5.07 10.59 -15.05
C LEU A 193 -6.08 10.89 -13.95
N GLN A 194 -5.67 11.68 -12.98
CA GLN A 194 -6.56 12.07 -11.89
C GLN A 194 -7.59 13.07 -12.40
N SER A 195 -8.84 12.88 -12.00
CA SER A 195 -9.92 13.73 -12.49
C SER A 195 -9.69 15.17 -12.05
N GLY A 196 -9.77 16.09 -13.02
CA GLY A 196 -9.48 17.48 -12.78
C GLY A 196 -8.09 17.92 -13.18
N VAL A 197 -7.41 17.17 -14.05
CA VAL A 197 -6.02 17.42 -14.41
C VAL A 197 -5.94 17.67 -15.91
N PRO A 198 -5.17 18.67 -16.35
CA PRO A 198 -5.11 18.99 -17.78
C PRO A 198 -4.63 17.81 -18.62
N SER A 199 -5.17 17.71 -19.84
CA SER A 199 -4.89 16.57 -20.71
C SER A 199 -3.43 16.54 -21.14
N ARG A 200 -2.76 17.69 -21.17
CA ARG A 200 -1.35 17.73 -21.53
C ARG A 200 -0.51 16.84 -20.63
N PHE A 201 -0.94 16.66 -19.38
CA PHE A 201 -0.26 15.75 -18.46
C PHE A 201 -0.59 14.31 -18.84
N SER A 202 0.45 13.52 -19.08
CA SER A 202 0.30 12.16 -19.55
C SER A 202 1.51 11.35 -19.14
N GLY A 203 1.31 10.05 -19.01
CA GLY A 203 2.34 9.20 -18.45
C GLY A 203 2.25 7.74 -18.85
N SER A 204 3.40 7.09 -18.95
CA SER A 204 3.46 5.73 -19.45
C SER A 204 4.64 5.01 -18.82
N GLY A 205 4.56 3.68 -18.80
CA GLY A 205 5.66 2.85 -18.31
C GLY A 205 5.20 1.71 -17.43
N SER A 206 5.99 0.63 -17.44
CA SER A 206 5.75 -0.51 -16.57
C SER A 206 7.08 -1.21 -16.28
N GLY A 207 7.11 -1.92 -15.17
CA GLY A 207 8.32 -2.61 -14.76
C GLY A 207 9.16 -1.76 -13.82
N THR A 208 10.21 -1.14 -14.35
CA THR A 208 11.09 -0.30 -13.55
C THR A 208 11.25 1.12 -14.08
N ASP A 209 10.87 1.39 -15.33
CA ASP A 209 11.03 2.70 -15.94
C ASP A 209 9.67 3.35 -16.14
N PHE A 210 9.55 4.61 -15.73
CA PHE A 210 8.29 5.35 -15.86
C PHE A 210 8.58 6.77 -16.32
N THR A 211 7.64 7.33 -17.08
CA THR A 211 7.76 8.68 -17.62
C THR A 211 6.51 9.50 -17.32
N LEU A 212 6.71 10.82 -17.19
CA LEU A 212 5.64 11.80 -17.18
C LEU A 212 5.92 12.77 -18.31
N THR A 213 4.93 12.98 -19.19
CA THR A 213 5.03 13.95 -20.26
C THR A 213 4.06 15.10 -20.01
N ILE A 214 4.56 16.32 -20.16
CA ILE A 214 3.71 17.49 -20.34
C ILE A 214 3.79 17.87 -21.82
N SER A 215 2.66 17.81 -22.52
CA SER A 215 2.68 18.02 -23.97
C SER A 215 3.04 19.47 -24.30
N SER A 216 2.49 20.44 -23.56
CA SER A 216 2.78 21.85 -23.84
C SER A 216 2.81 22.57 -22.49
N LEU A 217 4.02 22.83 -21.98
CA LEU A 217 4.13 23.59 -20.74
C LEU A 217 3.37 24.91 -20.79
N GLN A 218 2.32 25.02 -20.00
CA GLN A 218 1.70 26.30 -19.72
C GLN A 218 2.22 26.87 -18.38
N PRO A 219 2.39 28.23 -18.32
CA PRO A 219 3.06 28.76 -17.14
C PRO A 219 2.74 28.28 -15.77
N GLU A 220 1.57 27.74 -15.61
CA GLU A 220 1.23 27.21 -14.35
C GLU A 220 1.95 25.92 -14.16
N ASP A 221 2.47 25.35 -15.24
CA ASP A 221 3.01 24.02 -15.00
C ASP A 221 4.40 24.01 -14.36
N PHE A 222 4.90 25.17 -13.94
CA PHE A 222 6.26 25.29 -13.41
C PHE A 222 6.29 24.91 -11.93
N ALA A 223 6.88 23.76 -11.62
CA ALA A 223 6.91 23.22 -10.27
C ALA A 223 7.89 22.05 -10.26
N THR A 224 7.85 21.29 -9.18
CA THR A 224 8.62 20.06 -9.06
C THR A 224 7.66 18.87 -8.98
N TYR A 225 8.08 17.75 -9.56
CA TYR A 225 7.24 16.57 -9.72
C TYR A 225 7.93 15.36 -9.12
N TYR A 226 7.19 14.60 -8.33
CA TYR A 226 7.69 13.37 -7.73
C TYR A 226 6.97 12.17 -8.32
N CYS A 227 7.62 11.01 -8.21
CA CYS A 227 6.91 9.75 -8.31
C CYS A 227 6.81 9.11 -6.93
N GLN A 228 5.94 8.13 -6.80
CA GLN A 228 5.73 7.44 -5.56
C GLN A 228 5.33 6.02 -5.88
N GLN A 229 5.78 5.03 -5.15
CA GLN A 229 5.27 3.68 -5.33
C GLN A 229 4.00 3.51 -4.55
N LEU A 230 3.02 2.88 -5.17
CA LEU A 230 1.71 2.75 -4.60
C LEU A 230 1.41 1.38 -3.97
N ASN A 231 2.36 0.48 -3.87
CA ASN A 231 2.27 -0.84 -3.27
C ASN A 231 2.74 -0.84 -1.82
N SER A 232 4.03 -0.52 -1.64
CA SER A 232 4.67 -0.40 -0.33
C SER A 232 4.07 0.76 0.42
N TYR A 233 4.62 1.02 1.60
CA TYR A 233 4.55 2.33 2.22
C TYR A 233 4.82 3.37 1.15
N PRO A 234 4.12 4.52 1.19
CA PRO A 234 4.40 5.59 0.23
C PRO A 234 5.88 5.94 0.18
N ARG A 235 6.53 5.79 -0.98
CA ARG A 235 7.94 6.11 -1.12
C ARG A 235 8.10 7.04 -2.33
N PHE A 236 8.41 8.31 -2.06
CA PHE A 236 8.57 9.30 -3.11
C PHE A 236 10.00 9.31 -3.64
N GLY A 237 10.14 9.65 -4.92
CA GLY A 237 11.44 9.83 -5.52
C GLY A 237 12.07 11.14 -5.12
N PRO A 238 13.28 11.38 -5.63
CA PRO A 238 13.98 12.63 -5.29
C PRO A 238 13.22 13.88 -5.72
N GLY A 239 12.67 13.86 -6.92
CA GLY A 239 11.92 15.01 -7.42
C GLY A 239 12.67 15.68 -8.55
N THR A 240 11.92 16.06 -9.59
CA THR A 240 12.45 16.81 -10.74
C THR A 240 11.79 18.18 -10.79
N LYS A 241 12.60 19.22 -10.84
CA LYS A 241 12.05 20.56 -10.76
C LYS A 241 12.06 21.19 -12.15
N VAL A 242 10.94 21.85 -12.50
CA VAL A 242 10.75 22.55 -13.77
C VAL A 242 10.63 24.02 -13.46
N GLU A 243 11.19 24.82 -14.35
CA GLU A 243 11.60 26.18 -14.10
C GLU A 243 12.04 26.80 -15.38
N ILE A 244 12.28 28.10 -15.35
CA ILE A 244 12.77 28.80 -16.54
C ILE A 244 14.08 29.55 -16.30
N LEU B 1 -5.77 -42.06 2.55
CA LEU B 1 -4.82 -41.46 1.61
C LEU B 1 -5.28 -40.11 1.30
N CYS B 2 -5.11 -39.24 2.29
CA CYS B 2 -5.59 -37.90 2.19
C CYS B 2 -5.11 -37.08 1.04
N PRO B 3 -6.02 -36.28 0.46
CA PRO B 3 -5.68 -35.54 -0.74
C PRO B 3 -4.93 -34.26 -0.55
N PHE B 4 -3.80 -34.31 0.11
CA PHE B 4 -3.01 -33.14 0.35
C PHE B 4 -2.53 -32.67 -0.97
N GLY B 5 -2.20 -33.58 -1.85
CA GLY B 5 -1.70 -33.21 -3.15
C GLY B 5 -2.75 -32.83 -4.12
N GLU B 6 -3.94 -32.53 -3.65
CA GLU B 6 -4.97 -32.07 -4.53
C GLU B 6 -5.08 -30.64 -4.23
N VAL B 7 -4.58 -30.28 -3.08
CA VAL B 7 -4.65 -28.93 -2.67
C VAL B 7 -3.46 -28.32 -3.27
N PHE B 8 -2.31 -28.90 -3.00
CA PHE B 8 -1.10 -28.33 -3.45
C PHE B 8 -1.04 -28.26 -4.93
N ASN B 9 -1.30 -29.36 -5.60
CA ASN B 9 -1.16 -29.39 -7.05
C ASN B 9 -2.38 -29.06 -7.83
N ALA B 10 -3.21 -28.21 -7.29
CA ALA B 10 -4.38 -27.77 -7.97
C ALA B 10 -3.91 -26.96 -9.09
N THR B 11 -4.57 -27.04 -10.20
CA THR B 11 -4.10 -26.36 -11.35
C THR B 11 -4.49 -24.93 -11.24
N ARG B 12 -5.30 -24.60 -10.24
CA ARG B 12 -5.73 -23.25 -10.03
C ARG B 12 -5.98 -23.01 -8.57
N PHE B 13 -5.54 -21.87 -8.10
CA PHE B 13 -5.68 -21.53 -6.73
C PHE B 13 -6.59 -20.38 -6.76
N ALA B 14 -6.95 -19.92 -5.61
CA ALA B 14 -7.89 -18.89 -5.53
C ALA B 14 -7.37 -17.62 -5.00
N SER B 15 -8.27 -16.70 -4.76
CA SER B 15 -7.90 -15.41 -4.32
C SER B 15 -7.97 -15.33 -2.87
N VAL B 16 -7.28 -14.39 -2.30
CA VAL B 16 -7.17 -14.33 -0.88
C VAL B 16 -8.40 -13.84 -0.23
N TYR B 17 -9.28 -13.21 -0.96
CA TYR B 17 -10.51 -12.76 -0.40
C TYR B 17 -11.39 -13.91 -0.36
N ALA B 18 -11.20 -14.83 -1.27
CA ALA B 18 -12.03 -15.98 -1.38
C ALA B 18 -11.20 -17.18 -1.29
N TRP B 19 -10.66 -17.44 -0.15
CA TRP B 19 -9.75 -18.52 -0.04
C TRP B 19 -10.47 -19.82 0.09
N ASN B 20 -9.84 -20.91 -0.28
CA ASN B 20 -10.52 -22.20 -0.25
C ASN B 20 -10.14 -23.00 0.92
N ARG B 21 -11.09 -23.37 1.75
CA ARG B 21 -10.82 -24.26 2.84
C ARG B 21 -11.29 -25.59 2.38
N LYS B 22 -10.44 -26.59 2.48
CA LYS B 22 -10.83 -27.92 2.14
C LYS B 22 -10.67 -28.70 3.40
N ARG B 23 -11.74 -29.33 3.84
CA ARG B 23 -11.70 -30.10 5.06
C ARG B 23 -11.29 -31.49 4.74
N ILE B 24 -10.29 -31.98 5.45
CA ILE B 24 -9.84 -33.29 5.19
C ILE B 24 -10.25 -34.05 6.40
N SER B 25 -10.82 -35.22 6.15
CA SER B 25 -11.28 -36.04 7.24
C SER B 25 -11.27 -37.38 6.65
N ASN B 26 -11.61 -38.37 7.45
CA ASN B 26 -11.69 -39.75 6.99
C ASN B 26 -10.50 -40.18 6.25
N CYS B 27 -9.32 -39.98 6.82
CA CYS B 27 -8.11 -40.29 6.11
C CYS B 27 -6.95 -40.28 7.03
N VAL B 28 -5.78 -40.60 6.51
CA VAL B 28 -4.59 -40.50 7.29
C VAL B 28 -3.55 -40.29 6.25
N ALA B 29 -2.85 -39.17 6.30
CA ALA B 29 -1.77 -38.95 5.37
C ALA B 29 -0.59 -38.40 6.06
N ASP B 30 0.56 -38.72 5.54
CA ASP B 30 1.74 -38.26 6.15
C ASP B 30 1.91 -36.93 5.62
N TYR B 31 2.71 -36.18 6.31
CA TYR B 31 2.95 -34.87 5.91
C TYR B 31 4.29 -34.95 5.28
N SER B 32 4.62 -36.11 4.73
CA SER B 32 5.89 -36.31 4.13
C SER B 32 6.08 -35.39 3.01
N VAL B 33 5.10 -35.28 2.14
CA VAL B 33 5.24 -34.46 0.96
C VAL B 33 5.58 -33.03 1.23
N LEU B 34 5.30 -32.53 2.43
CA LEU B 34 5.71 -31.20 2.79
C LEU B 34 7.21 -31.19 2.89
N TYR B 35 7.73 -31.93 3.84
CA TYR B 35 9.15 -32.01 3.97
C TYR B 35 9.89 -32.97 3.07
N ASN B 36 9.49 -33.11 1.81
CA ASN B 36 10.24 -33.96 0.90
C ASN B 36 10.35 -33.30 -0.45
N SER B 37 9.57 -32.25 -0.67
CA SER B 37 9.74 -31.49 -1.91
C SER B 37 10.48 -30.27 -1.46
N ALA B 38 11.76 -30.24 -1.70
CA ALA B 38 12.58 -29.16 -1.17
C ALA B 38 12.27 -27.80 -1.79
N SER B 39 11.37 -27.77 -2.78
CA SER B 39 11.09 -26.60 -3.60
C SER B 39 10.04 -25.67 -2.99
N PHE B 40 10.11 -25.38 -1.69
CA PHE B 40 9.21 -24.43 -1.05
C PHE B 40 10.02 -23.30 -0.43
N SER B 41 9.71 -22.06 -0.84
CA SER B 41 10.45 -20.89 -0.39
C SER B 41 10.14 -20.51 1.06
N THR B 42 9.21 -21.21 1.70
CA THR B 42 8.83 -20.97 3.09
C THR B 42 8.02 -22.13 3.65
N PHE B 43 8.36 -22.54 4.86
CA PHE B 43 7.65 -23.60 5.57
C PHE B 43 7.85 -23.33 7.05
N LYS B 44 6.83 -22.82 7.72
CA LYS B 44 6.90 -22.55 9.15
C LYS B 44 5.79 -23.31 9.85
N CYS B 45 6.09 -23.83 11.04
CA CYS B 45 5.12 -24.55 11.85
C CYS B 45 5.04 -23.92 13.22
N TYR B 46 3.82 -23.60 13.66
CA TYR B 46 3.58 -22.95 14.93
C TYR B 46 2.76 -23.87 15.83
N GLY B 47 3.09 -23.88 17.12
CA GLY B 47 2.40 -24.71 18.09
C GLY B 47 2.72 -26.18 18.03
N VAL B 48 3.48 -26.63 17.04
CA VAL B 48 3.81 -28.03 16.84
C VAL B 48 5.25 -28.09 16.31
N SER B 49 5.85 -29.29 16.38
CA SER B 49 7.12 -29.56 15.74
C SER B 49 6.89 -30.30 14.43
N PRO B 50 7.56 -29.90 13.35
CA PRO B 50 7.31 -30.53 12.04
C PRO B 50 7.89 -31.93 11.91
N THR B 51 8.77 -32.36 12.82
CA THR B 51 9.12 -33.78 12.90
C THR B 51 8.00 -34.57 13.56
N LYS B 52 7.46 -34.07 14.67
CA LYS B 52 6.44 -34.81 15.40
C LYS B 52 5.08 -34.84 14.77
N LEU B 53 5.02 -34.82 13.45
CA LEU B 53 3.74 -34.76 12.80
C LEU B 53 3.05 -36.09 12.72
N ASN B 54 3.63 -37.03 12.02
CA ASN B 54 2.97 -38.30 11.83
C ASN B 54 2.65 -39.19 13.05
N ASP B 55 3.38 -39.10 14.17
CA ASP B 55 2.99 -39.90 15.36
C ASP B 55 2.51 -38.95 16.46
N VAL B 61 -8.45 -29.23 10.61
CA VAL B 61 -7.78 -30.30 9.89
C VAL B 61 -7.79 -29.77 8.47
N TYR B 62 -7.54 -28.46 8.38
CA TYR B 62 -8.05 -27.60 7.32
C TYR B 62 -6.91 -27.17 6.40
N ALA B 63 -7.12 -27.30 5.09
CA ALA B 63 -6.17 -26.86 4.07
C ALA B 63 -6.74 -25.61 3.40
N ASP B 64 -6.09 -24.48 3.61
CA ASP B 64 -6.48 -23.20 3.01
C ASP B 64 -5.45 -22.83 1.95
N SER B 65 -5.92 -22.51 0.74
CA SER B 65 -5.04 -22.25 -0.39
C SER B 65 -5.44 -20.94 -1.06
N PHE B 66 -4.46 -20.05 -1.26
CA PHE B 66 -4.70 -18.76 -1.90
C PHE B 66 -3.39 -18.25 -2.48
N VAL B 67 -3.50 -17.21 -3.31
CA VAL B 67 -2.35 -16.59 -3.97
C VAL B 67 -2.25 -15.13 -3.52
N ILE B 68 -1.04 -14.75 -3.09
CA ILE B 68 -0.70 -13.39 -2.70
C ILE B 68 0.64 -13.06 -3.37
N ARG B 69 1.20 -11.87 -3.10
CA ARG B 69 2.52 -11.58 -3.67
C ARG B 69 3.61 -11.79 -2.62
N GLY B 70 4.85 -11.65 -3.07
CA GLY B 70 6.01 -12.07 -2.32
C GLY B 70 6.19 -11.52 -0.92
N ASP B 71 6.29 -10.19 -0.77
CA ASP B 71 6.60 -9.61 0.54
C ASP B 71 5.36 -9.44 1.40
N GLU B 72 4.42 -10.37 1.30
CA GLU B 72 3.29 -10.45 2.22
C GLU B 72 2.94 -11.87 2.62
N VAL B 73 3.69 -12.87 2.16
CA VAL B 73 3.65 -14.19 2.77
C VAL B 73 4.09 -14.10 4.23
N ARG B 74 4.92 -13.11 4.56
CA ARG B 74 5.28 -12.87 5.95
C ARG B 74 4.08 -12.48 6.79
N GLN B 75 2.97 -12.10 6.17
CA GLN B 75 1.76 -11.75 6.90
C GLN B 75 0.92 -12.97 7.26
N ILE B 76 1.19 -14.11 6.63
CA ILE B 76 0.36 -15.28 6.81
C ILE B 76 0.96 -16.07 7.97
N ALA B 77 0.96 -15.45 9.15
CA ALA B 77 1.67 -15.97 10.30
C ALA B 77 1.02 -15.42 11.57
N PRO B 78 1.16 -16.12 12.69
CA PRO B 78 0.62 -15.60 13.95
C PRO B 78 1.18 -14.21 14.27
N GLY B 79 0.27 -13.28 14.56
CA GLY B 79 0.66 -11.98 15.07
C GLY B 79 1.10 -10.96 14.04
N GLN B 80 1.10 -11.30 12.76
CA GLN B 80 1.46 -10.33 11.75
C GLN B 80 0.22 -9.58 11.28
N THR B 81 0.46 -8.36 10.77
CA THR B 81 -0.62 -7.49 10.35
C THR B 81 -0.22 -6.79 9.06
N GLY B 82 -1.25 -6.34 8.34
CA GLY B 82 -1.06 -5.74 7.05
C GLY B 82 -2.34 -5.90 6.23
N LYS B 83 -2.25 -5.48 4.97
CA LYS B 83 -3.42 -5.51 4.11
C LYS B 83 -4.01 -6.91 3.95
N ILE B 84 -3.22 -7.95 4.20
CA ILE B 84 -3.69 -9.32 4.07
C ILE B 84 -4.23 -9.83 5.41
N ALA B 85 -3.39 -9.78 6.45
CA ALA B 85 -3.84 -10.21 7.77
C ALA B 85 -5.04 -9.42 8.25
N ASP B 86 -5.22 -8.18 7.79
CA ASP B 86 -6.30 -7.41 8.39
C ASP B 86 -7.61 -7.58 7.64
N TYR B 87 -7.54 -7.76 6.32
CA TYR B 87 -8.73 -7.69 5.48
C TYR B 87 -8.92 -8.85 4.52
N ASN B 88 -8.01 -9.82 4.49
CA ASN B 88 -8.15 -10.91 3.53
C ASN B 88 -8.09 -12.29 4.18
N TYR B 89 -6.96 -12.63 4.81
CA TYR B 89 -6.80 -13.91 5.49
C TYR B 89 -6.10 -13.66 6.81
N LYS B 90 -6.85 -13.74 7.91
CA LYS B 90 -6.26 -13.62 9.22
C LYS B 90 -5.96 -14.98 9.82
N LEU B 91 -4.81 -15.07 10.49
CA LEU B 91 -4.33 -16.28 11.13
C LEU B 91 -4.03 -15.94 12.58
N PRO B 92 -4.59 -16.68 13.54
CA PRO B 92 -4.60 -16.23 14.94
C PRO B 92 -3.21 -16.19 15.58
N ASP B 93 -3.14 -15.59 16.75
CA ASP B 93 -1.85 -15.40 17.42
C ASP B 93 -1.37 -16.62 18.11
N ASP B 94 -2.19 -17.66 18.10
CA ASP B 94 -1.87 -18.88 18.79
C ASP B 94 -2.17 -19.94 17.85
N PHE B 95 -1.63 -19.87 16.68
CA PHE B 95 -1.95 -20.82 15.68
C PHE B 95 -1.29 -22.13 15.91
N THR B 96 -2.01 -23.18 15.65
CA THR B 96 -1.42 -24.47 15.72
C THR B 96 -1.51 -25.07 14.32
N GLY B 97 -0.47 -24.87 13.52
CA GLY B 97 -0.44 -25.43 12.19
C GLY B 97 0.84 -25.03 11.47
N CYS B 98 0.84 -25.17 10.16
CA CYS B 98 2.03 -24.91 9.36
C CYS B 98 1.68 -24.06 8.14
N VAL B 99 2.58 -23.16 7.79
CA VAL B 99 2.40 -22.25 6.66
C VAL B 99 3.38 -22.65 5.56
N ILE B 100 2.85 -22.93 4.38
CA ILE B 100 3.64 -23.40 3.24
C ILE B 100 3.41 -22.42 2.09
N ALA B 101 4.50 -21.96 1.49
CA ALA B 101 4.41 -20.99 0.42
C ALA B 101 5.53 -21.21 -0.58
N TRP B 102 5.19 -21.09 -1.86
CA TRP B 102 6.19 -21.20 -2.93
C TRP B 102 5.87 -20.20 -4.02
N ASN B 103 6.91 -19.57 -4.55
CA ASN B 103 6.78 -18.70 -5.71
C ASN B 103 5.98 -19.40 -6.79
N SER B 104 5.07 -18.67 -7.40
CA SER B 104 4.33 -19.18 -8.55
C SER B 104 4.49 -18.25 -9.74
N ASN B 105 5.69 -17.70 -9.95
CA ASN B 105 5.77 -16.68 -10.97
C ASN B 105 5.34 -17.25 -12.30
N ASN B 106 5.87 -18.42 -12.62
CA ASN B 106 5.75 -19.03 -13.93
C ASN B 106 4.33 -19.42 -14.24
N LEU B 107 3.45 -19.39 -13.24
CA LEU B 107 2.11 -19.94 -13.35
C LEU B 107 1.01 -18.92 -13.12
N ASP B 108 1.22 -17.97 -12.21
CA ASP B 108 0.21 -16.95 -11.93
C ASP B 108 0.57 -15.59 -12.51
N SER B 109 1.62 -15.49 -13.33
CA SER B 109 1.97 -14.26 -14.01
C SER B 109 1.82 -14.43 -15.52
N LYS B 110 1.69 -13.30 -16.23
CA LYS B 110 1.63 -13.31 -17.68
C LYS B 110 1.99 -11.92 -18.19
N VAL B 111 2.44 -11.87 -19.46
CA VAL B 111 2.88 -10.61 -20.03
C VAL B 111 1.71 -9.64 -20.08
N GLY B 112 1.99 -8.36 -19.83
CA GLY B 112 0.94 -7.37 -19.72
C GLY B 112 0.15 -7.41 -18.43
N GLY B 113 0.44 -8.38 -17.54
CA GLY B 113 -0.18 -8.42 -16.23
C GLY B 113 -1.36 -9.37 -16.10
N ASN B 114 -1.42 -10.08 -14.98
CA ASN B 114 -2.54 -10.98 -14.68
C ASN B 114 -3.37 -10.34 -13.58
N TYR B 115 -4.61 -9.99 -13.91
CA TYR B 115 -5.51 -9.32 -12.97
C TYR B 115 -6.63 -10.25 -12.52
N ASN B 116 -6.38 -11.55 -12.53
CA ASN B 116 -7.37 -12.53 -12.12
C ASN B 116 -7.38 -12.75 -10.61
N TYR B 117 -6.27 -12.52 -9.94
CA TYR B 117 -6.20 -12.66 -8.49
C TYR B 117 -6.43 -11.30 -7.84
N LEU B 118 -7.30 -11.27 -6.84
CA LEU B 118 -7.71 -10.02 -6.21
C LEU B 118 -7.46 -10.11 -4.72
N TYR B 119 -7.43 -8.95 -4.06
CA TYR B 119 -7.42 -8.91 -2.61
C TYR B 119 -8.31 -7.78 -2.13
N ARG B 120 -8.63 -7.82 -0.84
CA ARG B 120 -9.50 -6.81 -0.26
C ARG B 120 -8.67 -5.63 0.19
N LEU B 121 -8.86 -4.49 -0.50
CA LEU B 121 -8.16 -3.25 -0.16
C LEU B 121 -8.90 -2.45 0.89
N PHE B 122 -10.23 -2.34 0.79
CA PHE B 122 -11.02 -1.52 1.69
C PHE B 122 -11.88 -2.41 2.58
N ARG B 123 -11.70 -2.28 3.88
CA ARG B 123 -12.57 -2.91 4.87
C ARG B 123 -12.51 -2.09 6.14
N LYS B 124 -13.65 -1.88 6.78
CA LYS B 124 -13.67 -0.92 7.88
C LYS B 124 -13.00 -1.49 9.13
N SER B 125 -13.11 -2.79 9.38
CA SER B 125 -12.48 -3.39 10.55
C SER B 125 -11.68 -4.63 10.14
N ASN B 126 -10.73 -4.99 10.99
CA ASN B 126 -9.87 -6.14 10.73
C ASN B 126 -10.66 -7.43 10.83
N LEU B 127 -10.23 -8.45 10.08
CA LEU B 127 -10.93 -9.72 10.15
C LEU B 127 -10.62 -10.44 11.44
N LYS B 128 -11.61 -11.18 11.91
CA LYS B 128 -11.38 -12.15 12.96
C LYS B 128 -10.50 -13.28 12.41
N PRO B 129 -9.85 -14.03 13.27
CA PRO B 129 -9.00 -15.12 12.77
C PRO B 129 -9.84 -16.19 12.09
N PHE B 130 -9.36 -16.61 10.92
CA PHE B 130 -9.99 -17.56 10.02
C PHE B 130 -11.28 -17.03 9.40
N GLU B 131 -11.66 -15.79 9.67
CA GLU B 131 -12.85 -15.21 9.07
C GLU B 131 -12.64 -14.98 7.57
N ARG B 132 -13.74 -14.92 6.83
CA ARG B 132 -13.73 -14.70 5.40
C ARG B 132 -14.78 -13.66 5.03
N ASP B 133 -14.47 -12.84 4.03
CA ASP B 133 -15.37 -11.78 3.56
C ASP B 133 -15.27 -11.72 2.05
N ILE B 134 -16.31 -12.21 1.37
CA ILE B 134 -16.34 -12.17 -0.09
C ILE B 134 -17.34 -11.13 -0.56
N SER B 135 -17.63 -10.15 0.30
CA SER B 135 -18.61 -9.13 -0.04
C SER B 135 -18.09 -8.20 -1.13
N THR B 136 -18.96 -7.86 -2.08
CA THR B 136 -18.66 -6.86 -3.10
C THR B 136 -19.44 -5.58 -2.91
N GLU B 137 -19.73 -5.15 -1.69
CA GLU B 137 -20.49 -3.92 -1.53
C GLU B 137 -19.55 -2.71 -1.67
N ILE B 138 -19.96 -1.74 -2.48
CA ILE B 138 -19.30 -0.43 -2.55
C ILE B 138 -18.96 0.10 -1.16
N TYR B 139 -17.65 0.23 -0.91
CA TYR B 139 -17.12 0.80 0.33
C TYR B 139 -17.31 2.32 0.33
N GLN B 140 -17.97 2.84 1.36
CA GLN B 140 -18.13 4.29 1.49
C GLN B 140 -16.86 4.86 2.12
N ALA B 141 -16.14 5.67 1.36
CA ALA B 141 -15.00 6.40 1.91
C ALA B 141 -15.39 7.77 2.42
N GLY B 142 -16.45 8.36 1.86
CA GLY B 142 -16.82 9.72 2.11
C GLY B 142 -17.94 9.87 3.10
N SER B 143 -18.55 11.05 3.11
CA SER B 143 -19.60 11.40 4.05
C SER B 143 -21.00 11.19 3.48
N THR B 144 -21.15 11.15 2.16
CA THR B 144 -22.30 10.97 1.29
C THR B 144 -22.55 9.48 1.04
N PRO B 145 -23.81 9.04 1.08
CA PRO B 145 -24.11 7.64 0.80
C PRO B 145 -23.84 7.28 -0.66
N CYS B 146 -23.45 6.01 -0.86
CA CYS B 146 -23.10 5.53 -2.18
C CYS B 146 -24.28 4.92 -2.92
N ASN B 147 -25.27 4.39 -2.18
CA ASN B 147 -26.43 3.73 -2.76
C ASN B 147 -26.00 2.61 -3.70
N GLY B 148 -24.85 2.01 -3.40
CA GLY B 148 -24.32 0.91 -4.19
C GLY B 148 -23.74 1.30 -5.52
N VAL B 149 -23.45 2.58 -5.74
CA VAL B 149 -22.97 3.07 -7.03
C VAL B 149 -21.50 3.42 -6.92
N GLU B 150 -20.72 2.93 -7.88
CA GLU B 150 -19.30 3.22 -7.99
C GLU B 150 -19.08 4.71 -8.25
N GLY B 151 -17.89 5.18 -7.91
CA GLY B 151 -17.54 6.58 -8.14
C GLY B 151 -16.62 7.15 -7.09
N PHE B 152 -16.66 8.47 -6.93
CA PHE B 152 -15.84 9.13 -5.92
C PHE B 152 -16.31 8.77 -4.52
N ASN B 153 -15.35 8.45 -3.65
CA ASN B 153 -15.62 8.07 -2.27
C ASN B 153 -16.47 6.82 -2.17
N CYS B 154 -16.76 6.18 -3.30
CA CYS B 154 -17.65 5.02 -3.37
C CYS B 154 -16.96 3.96 -4.19
N TYR B 155 -16.16 3.13 -3.52
CA TYR B 155 -15.16 2.28 -4.16
C TYR B 155 -15.51 0.81 -4.04
N PHE B 156 -15.31 0.10 -5.14
CA PHE B 156 -15.37 -1.36 -5.16
C PHE B 156 -14.24 -1.90 -4.28
N PRO B 157 -14.55 -2.55 -3.16
CA PRO B 157 -13.53 -2.73 -2.10
C PRO B 157 -12.39 -3.66 -2.46
N LEU B 158 -12.44 -4.30 -3.63
CA LEU B 158 -11.46 -5.27 -4.10
C LEU B 158 -10.41 -4.61 -4.99
N GLN B 159 -9.28 -5.28 -5.12
CA GLN B 159 -8.19 -4.77 -5.94
C GLN B 159 -7.44 -5.93 -6.58
N SER B 160 -7.11 -5.77 -7.86
CA SER B 160 -6.36 -6.77 -8.59
C SER B 160 -4.87 -6.67 -8.30
N TYR B 161 -4.22 -7.83 -8.27
CA TYR B 161 -2.78 -7.99 -8.11
C TYR B 161 -1.95 -7.54 -9.31
N GLY B 162 -2.36 -7.86 -10.53
CA GLY B 162 -1.54 -7.46 -11.66
C GLY B 162 -0.17 -8.11 -11.62
N PHE B 163 -0.17 -9.44 -11.58
CA PHE B 163 1.06 -10.22 -11.55
C PHE B 163 1.65 -10.30 -12.95
N GLN B 164 2.82 -9.69 -13.12
CA GLN B 164 3.59 -9.70 -14.33
C GLN B 164 4.91 -10.40 -14.08
N PRO B 165 5.42 -11.16 -15.05
CA PRO B 165 6.71 -11.85 -14.83
C PRO B 165 7.86 -10.90 -14.53
N THR B 166 7.79 -9.66 -15.04
CA THR B 166 8.88 -8.71 -14.84
C THR B 166 8.95 -8.18 -13.41
N ASN B 167 7.89 -8.37 -12.62
CA ASN B 167 7.82 -7.78 -11.29
C ASN B 167 9.01 -8.18 -10.44
N GLY B 168 9.39 -7.28 -9.53
CA GLY B 168 10.37 -7.62 -8.53
C GLY B 168 9.91 -8.77 -7.66
N VAL B 169 10.87 -9.38 -6.95
CA VAL B 169 10.61 -10.69 -6.37
C VAL B 169 9.55 -10.59 -5.28
N GLY B 170 9.48 -9.46 -4.59
CA GLY B 170 8.43 -9.25 -3.60
C GLY B 170 7.06 -8.99 -4.19
N TYR B 171 6.99 -8.62 -5.47
CA TYR B 171 5.73 -8.37 -6.14
C TYR B 171 5.34 -9.50 -7.07
N GLN B 172 5.98 -10.65 -6.94
CA GLN B 172 5.70 -11.85 -7.72
C GLN B 172 4.65 -12.71 -7.02
N PRO B 173 3.85 -13.45 -7.79
CA PRO B 173 2.78 -14.25 -7.17
C PRO B 173 3.33 -15.46 -6.44
N TYR B 174 2.85 -15.65 -5.21
CA TYR B 174 3.21 -16.81 -4.41
C TYR B 174 1.95 -17.58 -4.05
N ARG B 175 2.02 -18.91 -4.12
CA ARG B 175 0.93 -19.78 -3.72
C ARG B 175 1.16 -20.20 -2.27
N VAL B 176 0.13 -20.04 -1.44
CA VAL B 176 0.22 -20.27 0.00
C VAL B 176 -0.76 -21.36 0.38
N VAL B 177 -0.30 -22.32 1.18
CA VAL B 177 -1.14 -23.38 1.73
C VAL B 177 -0.99 -23.36 3.24
N VAL B 178 -2.11 -23.30 3.95
CA VAL B 178 -2.12 -23.23 5.40
C VAL B 178 -2.88 -24.44 5.94
N LEU B 179 -2.17 -25.32 6.64
CA LEU B 179 -2.76 -26.47 7.29
C LEU B 179 -2.95 -26.14 8.76
N SER B 180 -4.20 -25.97 9.18
CA SER B 180 -4.51 -25.72 10.58
C SER B 180 -4.93 -27.03 11.23
N PHE B 181 -4.50 -27.22 12.47
CA PHE B 181 -4.80 -28.45 13.20
C PHE B 181 -5.71 -28.18 14.39
#